data_2BN2
#
_entry.id   2BN2
#
_cell.length_a   121.670
_cell.length_b   67.960
_cell.length_c   62.100
_cell.angle_alpha   90.00
_cell.angle_beta   90.00
_cell.angle_gamma   90.00
#
_symmetry.space_group_name_H-M   'P 21 21 21'
#
loop_
_entity.id
_entity.type
_entity.pdbx_description
1 polymer 'NEUROPHYSIN II'
2 non-polymer PHENYLALANINE
3 non-polymer TYROSINE
#
_entity_poly.entity_id   1
_entity_poly.type   'polypeptide(L)'
_entity_poly.pdbx_seq_one_letter_code
;AMSDLELRQCLPCGPGGKGRCFGPSICCGDELGCFVGTAEALRCQEENYLPSPCQSGQKPCGSGGRCAAAGICCNDESCV
TEPECREGVGFPRRV
;
_entity_poly.pdbx_strand_id   A,C,E,G
#
# COMPACT_ATOMS: atom_id res chain seq x y z
N ALA A 1 9.27 -12.48 5.12
CA ALA A 1 9.20 -13.34 6.34
C ALA A 1 10.31 -14.41 6.35
N MET A 2 9.94 -15.69 6.30
CA MET A 2 10.94 -16.76 6.26
C MET A 2 11.88 -16.54 5.07
N SER A 3 11.30 -16.53 3.88
CA SER A 3 12.06 -16.42 2.63
C SER A 3 11.60 -15.24 1.76
N ASP A 4 12.30 -15.05 0.65
CA ASP A 4 11.93 -14.08 -0.36
C ASP A 4 10.75 -14.55 -1.18
N LEU A 5 10.30 -15.76 -0.90
CA LEU A 5 9.06 -16.29 -1.48
C LEU A 5 7.88 -15.49 -0.89
N GLU A 6 8.11 -14.93 0.29
CA GLU A 6 7.09 -14.19 1.01
C GLU A 6 7.27 -12.67 0.91
N LEU A 7 8.04 -12.23 -0.07
CA LEU A 7 8.31 -10.80 -0.24
C LEU A 7 7.07 -10.02 -0.70
N ARG A 8 6.85 -8.83 -0.13
CA ARG A 8 5.68 -8.02 -0.49
C ARG A 8 5.85 -7.32 -1.83
N GLN A 9 4.73 -7.03 -2.49
CA GLN A 9 4.72 -6.16 -3.67
C GLN A 9 5.08 -4.72 -3.25
N CYS A 10 5.40 -3.88 -4.21
CA CYS A 10 5.73 -2.49 -3.89
C CYS A 10 4.46 -1.68 -3.82
N LEU A 11 4.56 -0.39 -3.52
CA LEU A 11 3.37 0.44 -3.40
C LEU A 11 2.48 0.25 -4.63
N PRO A 12 1.16 0.41 -4.46
CA PRO A 12 0.34 0.52 -5.67
C PRO A 12 0.44 1.89 -6.28
N CYS A 13 -0.09 2.01 -7.49
CA CYS A 13 0.10 3.21 -8.28
C CYS A 13 -0.85 3.16 -9.46
N GLY A 14 -0.90 4.26 -10.20
CA GLY A 14 -1.78 4.32 -11.36
C GLY A 14 -3.26 4.29 -11.04
N PRO A 15 -4.10 4.40 -12.09
CA PRO A 15 -5.56 4.37 -12.03
C PRO A 15 -6.17 3.42 -10.99
N GLY A 16 -6.81 4.01 -9.99
CA GLY A 16 -7.49 3.22 -8.97
C GLY A 16 -6.54 2.36 -8.17
N GLY A 17 -5.27 2.74 -8.18
CA GLY A 17 -4.24 1.94 -7.53
C GLY A 17 -4.30 0.52 -8.01
N LYS A 18 -4.62 0.34 -9.29
CA LYS A 18 -4.74 -0.99 -9.90
C LYS A 18 -3.41 -1.50 -10.45
N GLY A 19 -2.38 -0.67 -10.35
CA GLY A 19 -1.06 -1.09 -10.74
C GLY A 19 -0.17 -1.27 -9.53
N ARG A 20 1.03 -1.79 -9.77
CA ARG A 20 2.02 -1.92 -8.71
C ARG A 20 3.31 -1.31 -9.22
N CYS A 21 4.13 -0.81 -8.31
CA CYS A 21 5.40 -0.23 -8.70
C CYS A 21 6.47 -1.27 -8.95
N PHE A 22 6.99 -1.30 -10.17
CA PHE A 22 8.08 -2.20 -10.52
C PHE A 22 9.42 -1.53 -10.38
N GLY A 23 9.41 -0.20 -10.47
CA GLY A 23 10.58 0.59 -10.15
C GLY A 23 10.20 2.01 -9.82
N PRO A 24 11.16 2.87 -9.44
CA PRO A 24 10.84 4.24 -9.04
C PRO A 24 10.03 5.02 -10.07
N SER A 25 10.08 4.60 -11.33
CA SER A 25 9.23 5.23 -12.35
C SER A 25 8.54 4.28 -13.31
N ILE A 26 8.40 3.02 -12.94
CA ILE A 26 7.56 2.09 -13.69
C ILE A 26 6.35 1.69 -12.85
N CYS A 27 5.18 1.98 -13.38
CA CYS A 27 3.93 1.56 -12.77
C CYS A 27 3.16 0.70 -13.76
N CYS A 28 3.11 -0.60 -13.50
CA CYS A 28 2.41 -1.54 -14.39
C CYS A 28 1.19 -2.18 -13.74
N GLY A 29 0.32 -2.73 -14.58
CA GLY A 29 -0.84 -3.43 -14.10
C GLY A 29 -1.42 -4.26 -15.22
N ASP A 30 -1.83 -5.49 -14.92
CA ASP A 30 -2.24 -6.43 -15.97
C ASP A 30 -3.36 -5.88 -16.84
N GLU A 31 -4.24 -5.10 -16.25
CA GLU A 31 -5.31 -4.47 -17.00
C GLU A 31 -4.94 -3.05 -17.43
N LEU A 32 -3.75 -2.61 -17.04
CA LEU A 32 -3.38 -1.20 -17.13
C LEU A 32 -2.34 -0.95 -18.23
N GLY A 33 -1.41 -1.88 -18.39
CA GLY A 33 -0.27 -1.65 -19.26
C GLY A 33 0.87 -1.21 -18.37
N CYS A 34 1.92 -0.62 -18.94
CA CYS A 34 2.99 -0.02 -18.15
C CYS A 34 3.20 1.46 -18.44
N PHE A 35 3.46 2.22 -17.38
CA PHE A 35 3.74 3.64 -17.48
C PHE A 35 5.20 3.86 -17.09
N VAL A 36 6.01 4.34 -18.03
CA VAL A 36 7.46 4.47 -17.82
C VAL A 36 7.85 5.95 -17.82
N GLY A 37 7.88 6.55 -16.65
CA GLY A 37 8.19 7.95 -16.54
C GLY A 37 6.99 8.87 -16.64
N THR A 38 5.79 8.30 -16.79
CA THR A 38 4.59 9.13 -16.85
C THR A 38 4.18 9.59 -15.48
N ALA A 39 3.11 10.39 -15.43
CA ALA A 39 2.60 10.90 -14.16
C ALA A 39 2.09 9.79 -13.25
N GLU A 40 1.44 8.79 -13.86
CA GLU A 40 0.87 7.67 -13.12
C GLU A 40 1.94 6.89 -12.37
N ALA A 41 3.19 7.01 -12.81
CA ALA A 41 4.28 6.27 -12.20
C ALA A 41 4.96 7.07 -11.10
N LEU A 42 4.57 8.33 -10.97
CA LEU A 42 5.25 9.23 -10.05
C LEU A 42 5.26 8.74 -8.61
N ARG A 43 4.11 8.22 -8.17
CA ARG A 43 3.95 7.62 -6.84
C ARG A 43 4.99 6.57 -6.48
N CYS A 44 5.55 5.90 -7.49
CA CYS A 44 6.53 4.83 -7.27
C CYS A 44 7.84 5.32 -6.70
N GLN A 45 8.05 6.62 -6.75
CA GLN A 45 9.23 7.22 -6.15
C GLN A 45 9.14 7.09 -4.63
N GLU A 46 7.92 6.95 -4.15
CA GLU A 46 7.66 6.92 -2.73
C GLU A 46 8.19 5.65 -2.08
N GLU A 47 8.26 4.58 -2.86
CA GLU A 47 8.76 3.30 -2.38
C GLU A 47 10.19 3.35 -1.86
N ASN A 48 10.98 4.27 -2.39
CA ASN A 48 12.39 4.37 -1.98
C ASN A 48 12.50 4.92 -0.57
N TYR A 49 11.39 5.41 -0.03
CA TYR A 49 11.35 5.86 1.35
C TYR A 49 11.06 4.73 2.34
N LEU A 50 10.51 3.62 1.85
CA LEU A 50 10.19 2.48 2.71
C LEU A 50 11.38 1.56 2.97
N PRO A 51 11.61 1.19 4.25
CA PRO A 51 12.88 0.61 4.76
C PRO A 51 12.99 -0.88 4.53
N SER A 52 12.11 -1.34 3.66
CA SER A 52 11.68 -2.72 3.56
C SER A 52 11.79 -3.16 2.06
N PRO A 53 12.41 -4.37 1.82
CA PRO A 53 12.54 -4.94 0.44
C PRO A 53 11.19 -5.34 -0.14
N CYS A 54 10.84 -4.82 -1.31
CA CYS A 54 9.68 -5.29 -2.13
C CYS A 54 10.09 -5.83 -3.52
N GLN A 55 9.19 -6.59 -4.14
CA GLN A 55 9.38 -7.05 -5.51
C GLN A 55 7.98 -7.27 -6.06
N SER A 56 7.61 -6.54 -7.11
CA SER A 56 6.27 -6.72 -7.66
C SER A 56 6.30 -7.85 -8.67
N GLY A 57 5.13 -8.40 -8.97
CA GLY A 57 5.06 -9.47 -9.96
C GLY A 57 5.53 -10.83 -9.47
N GLN A 58 5.06 -11.89 -10.13
CA GLN A 58 5.32 -13.26 -9.67
C GLN A 58 6.27 -14.01 -10.58
N LYS A 59 6.06 -13.87 -11.88
CA LYS A 59 6.74 -14.73 -12.86
C LYS A 59 7.97 -14.04 -13.40
N PRO A 60 9.16 -14.57 -13.10
CA PRO A 60 10.39 -14.02 -13.66
C PRO A 60 10.43 -14.03 -15.19
N CYS A 61 11.27 -13.17 -15.74
CA CYS A 61 11.48 -13.08 -17.19
C CYS A 61 12.60 -12.09 -17.45
N GLY A 62 12.97 -11.94 -18.72
CA GLY A 62 14.05 -11.05 -19.10
C GLY A 62 15.28 -11.11 -18.20
N SER A 63 15.87 -9.95 -17.94
CA SER A 63 17.06 -9.86 -17.09
C SER A 63 16.73 -9.45 -15.66
N GLY A 64 16.19 -10.40 -14.89
CA GLY A 64 15.84 -10.12 -13.50
C GLY A 64 14.54 -9.36 -13.35
N GLY A 65 13.68 -9.49 -14.36
CA GLY A 65 12.37 -8.89 -14.27
C GLY A 65 11.31 -9.91 -13.93
N ARG A 66 10.08 -9.41 -13.82
CA ARG A 66 8.92 -10.19 -13.57
C ARG A 66 7.85 -9.50 -14.39
N CYS A 67 7.05 -10.35 -14.96
CA CYS A 67 5.92 -10.08 -15.89
C CYS A 67 4.99 -9.07 -15.33
N ALA A 68 5.11 -7.88 -15.89
CA ALA A 68 4.54 -6.70 -15.32
C ALA A 68 3.16 -6.41 -15.87
N ALA A 69 2.98 -6.72 -17.14
CA ALA A 69 1.66 -6.63 -17.75
C ALA A 69 1.59 -7.64 -18.89
N ALA A 70 0.48 -7.64 -19.62
CA ALA A 70 0.28 -8.59 -20.70
C ALA A 70 1.32 -8.42 -21.80
N GLY A 71 2.29 -9.34 -21.87
CA GLY A 71 3.30 -9.25 -22.90
C GLY A 71 4.54 -8.44 -22.55
N ILE A 72 4.53 -7.79 -21.39
CA ILE A 72 5.63 -6.91 -21.01
C ILE A 72 6.36 -7.40 -19.76
N CYS A 73 7.68 -7.24 -19.75
CA CYS A 73 8.53 -7.73 -18.68
C CYS A 73 9.38 -6.57 -18.15
N CYS A 74 9.19 -6.24 -16.88
CA CYS A 74 9.85 -5.08 -16.31
C CYS A 74 10.73 -5.46 -15.13
N ASN A 75 11.95 -4.95 -15.11
CA ASN A 75 12.68 -4.84 -13.86
C ASN A 75 12.51 -3.40 -13.40
N ASP A 76 13.47 -2.84 -12.69
CA ASP A 76 13.24 -1.55 -12.08
C ASP A 76 13.81 -0.37 -12.86
N GLU A 77 14.17 -0.63 -14.11
CA GLU A 77 14.77 0.39 -14.98
C GLU A 77 14.52 0.11 -16.46
N SER A 78 13.73 -0.91 -16.76
CA SER A 78 13.41 -1.18 -18.15
C SER A 78 12.17 -2.03 -18.29
N CYS A 79 11.54 -1.93 -19.45
CA CYS A 79 10.48 -2.85 -19.83
C CYS A 79 10.63 -3.26 -21.28
N VAL A 80 10.86 -4.54 -21.45
CA VAL A 80 11.00 -5.14 -22.76
C VAL A 80 9.72 -5.87 -23.11
N THR A 81 9.44 -5.92 -24.40
CA THR A 81 8.40 -6.80 -24.92
C THR A 81 8.90 -8.23 -24.79
N GLU A 82 8.06 -9.07 -24.19
CA GLU A 82 8.48 -10.40 -23.81
C GLU A 82 7.24 -11.27 -23.80
N PRO A 83 7.13 -12.15 -24.80
CA PRO A 83 5.97 -13.03 -25.01
C PRO A 83 5.71 -14.03 -23.87
N GLU A 84 6.76 -14.41 -23.14
CA GLU A 84 6.62 -15.22 -21.93
C GLU A 84 5.59 -14.67 -20.94
N CYS A 85 5.41 -13.34 -20.96
CA CYS A 85 4.54 -12.63 -20.02
C CYS A 85 3.14 -12.32 -20.54
N LEU B 7 14.89 9.18 -42.50
CA LEU B 7 13.79 8.29 -41.97
C LEU B 7 12.79 9.09 -41.11
N ARG B 8 11.58 9.27 -41.65
CA ARG B 8 10.53 10.00 -40.96
C ARG B 8 10.21 9.44 -39.58
N GLN B 9 9.84 10.31 -38.65
CA GLN B 9 9.36 9.89 -37.35
C GLN B 9 8.09 9.08 -37.49
N CYS B 10 7.88 8.15 -36.58
CA CYS B 10 6.71 7.29 -36.63
C CYS B 10 5.45 8.03 -36.20
N LEU B 11 4.30 7.42 -36.47
CA LEU B 11 2.99 8.01 -36.16
C LEU B 11 2.94 8.79 -34.85
N PRO B 12 2.15 9.87 -34.79
CA PRO B 12 1.90 10.43 -33.47
C PRO B 12 0.93 9.58 -32.65
N CYS B 13 1.09 9.62 -31.33
CA CYS B 13 0.28 8.84 -30.40
C CYS B 13 0.15 9.56 -29.06
N GLY B 14 -0.79 9.11 -28.23
CA GLY B 14 -0.87 9.61 -26.88
C GLY B 14 -1.63 10.92 -26.76
N PRO B 15 -1.58 11.57 -25.57
CA PRO B 15 -2.44 12.70 -25.21
C PRO B 15 -2.21 13.94 -26.07
N GLY B 16 -3.22 14.30 -26.85
CA GLY B 16 -3.13 15.48 -27.69
C GLY B 16 -1.97 15.46 -28.66
N GLY B 17 -1.83 14.35 -29.39
CA GLY B 17 -0.81 14.23 -30.41
C GLY B 17 0.63 14.54 -30.01
N LYS B 18 0.89 14.73 -28.72
CA LYS B 18 2.23 15.12 -28.32
C LYS B 18 3.14 13.94 -28.01
N GLY B 19 2.78 12.77 -28.55
CA GLY B 19 3.65 11.60 -28.51
C GLY B 19 4.03 11.04 -29.87
N ARG B 20 5.20 10.43 -29.97
CA ARG B 20 5.55 9.62 -31.14
C ARG B 20 5.53 8.13 -30.81
N CYS B 21 5.11 7.34 -31.77
CA CYS B 21 5.23 5.89 -31.66
C CYS B 21 6.67 5.44 -31.86
N PHE B 22 7.22 4.73 -30.88
CA PHE B 22 8.57 4.18 -31.01
C PHE B 22 8.58 2.70 -31.38
N GLY B 23 7.45 2.03 -31.19
CA GLY B 23 7.36 0.61 -31.47
C GLY B 23 5.90 0.25 -31.44
N PRO B 24 5.51 -0.98 -31.82
CA PRO B 24 4.10 -1.26 -32.04
C PRO B 24 3.26 -1.06 -30.78
N SER B 25 3.91 -1.21 -29.63
CA SER B 25 3.23 -0.97 -28.37
C SER B 25 3.85 0.15 -27.51
N ILE B 26 4.77 0.92 -28.08
CA ILE B 26 5.40 2.01 -27.32
C ILE B 26 5.12 3.40 -27.88
N CYS B 27 4.71 4.28 -26.98
CA CYS B 27 4.32 5.64 -27.31
C CYS B 27 4.96 6.58 -26.31
N CYS B 28 5.99 7.29 -26.73
CA CYS B 28 6.69 8.20 -25.84
C CYS B 28 6.56 9.63 -26.27
N GLY B 29 6.48 10.53 -25.28
CA GLY B 29 6.64 11.94 -25.54
C GLY B 29 7.59 12.54 -24.51
N ASP B 30 8.60 13.30 -24.97
CA ASP B 30 9.37 14.16 -24.07
C ASP B 30 8.42 14.90 -23.14
N GLU B 31 7.20 15.12 -23.62
CA GLU B 31 6.08 15.59 -22.81
C GLU B 31 5.59 14.60 -21.73
N LEU B 32 5.04 13.46 -22.16
CA LEU B 32 4.31 12.53 -21.27
C LEU B 32 5.14 11.46 -20.57
N GLY B 33 6.32 11.16 -21.09
CA GLY B 33 7.01 9.94 -20.71
C GLY B 33 6.69 8.84 -21.70
N CYS B 34 6.69 7.59 -21.25
CA CYS B 34 6.42 6.48 -22.14
C CYS B 34 5.27 5.59 -21.70
N PHE B 35 4.42 5.20 -22.65
CA PHE B 35 3.41 4.18 -22.41
C PHE B 35 3.80 2.90 -23.14
N VAL B 36 3.96 1.83 -22.39
CA VAL B 36 4.29 0.52 -22.95
C VAL B 36 3.09 -0.41 -22.81
N GLY B 37 2.35 -0.59 -23.90
CA GLY B 37 1.19 -1.45 -23.86
C GLY B 37 -0.03 -0.84 -23.17
N THR B 38 -0.11 0.47 -23.09
CA THR B 38 -1.31 1.12 -22.54
C THR B 38 -2.22 1.55 -23.68
N ALA B 39 -3.39 2.07 -23.34
CA ALA B 39 -4.33 2.49 -24.36
C ALA B 39 -3.70 3.58 -25.23
N GLU B 40 -2.83 4.38 -24.62
CA GLU B 40 -2.18 5.47 -25.33
C GLU B 40 -1.37 4.96 -26.52
N ALA B 41 -0.77 3.78 -26.32
CA ALA B 41 0.13 3.20 -27.30
C ALA B 41 -0.56 2.28 -28.30
N LEU B 42 -1.89 2.30 -28.34
CA LEU B 42 -2.59 1.40 -29.26
C LEU B 42 -2.51 1.83 -30.73
N ARG B 43 -2.49 3.13 -30.98
CA ARG B 43 -2.34 3.63 -32.34
C ARG B 43 -1.06 3.15 -33.04
N CYS B 44 -0.03 2.85 -32.24
CA CYS B 44 1.27 2.45 -32.78
C CYS B 44 1.24 1.13 -33.55
N GLN B 45 0.23 0.30 -33.28
CA GLN B 45 -0.07 -0.84 -34.13
C GLN B 45 -0.17 -0.42 -35.59
N GLU B 46 -0.88 0.67 -35.82
CA GLU B 46 -1.26 1.11 -37.17
C GLU B 46 -0.07 1.42 -38.06
N GLU B 47 1.10 1.57 -37.47
CA GLU B 47 2.30 1.81 -38.27
C GLU B 47 2.71 0.58 -39.06
N ASN B 48 2.11 -0.57 -38.75
CA ASN B 48 2.33 -1.79 -39.52
C ASN B 48 1.63 -1.71 -40.88
N TYR B 49 0.72 -0.76 -41.02
CA TYR B 49 -0.05 -0.59 -42.25
C TYR B 49 0.51 0.47 -43.20
N LEU B 50 1.69 1.00 -42.88
CA LEU B 50 2.24 2.09 -43.67
C LEU B 50 3.58 1.70 -44.26
N PRO B 51 3.72 1.84 -45.59
CA PRO B 51 4.81 1.27 -46.38
C PRO B 51 6.17 1.93 -46.16
N SER B 52 6.18 3.09 -45.52
CA SER B 52 7.43 3.81 -45.35
C SER B 52 8.05 3.40 -44.05
N PRO B 53 9.36 3.11 -44.07
CA PRO B 53 10.05 2.83 -42.81
C PRO B 53 10.06 4.08 -41.95
N CYS B 54 10.02 3.91 -40.63
CA CYS B 54 10.20 5.05 -39.74
C CYS B 54 11.12 4.80 -38.55
N GLN B 55 11.47 5.88 -37.90
CA GLN B 55 12.32 5.87 -36.72
C GLN B 55 12.06 7.18 -35.99
N SER B 56 11.37 7.10 -34.86
CA SER B 56 11.10 8.29 -34.05
C SER B 56 12.29 8.61 -33.16
N GLY B 57 12.31 9.84 -32.65
CA GLY B 57 13.43 10.27 -31.84
C GLY B 57 14.65 10.52 -32.71
N GLN B 58 15.69 11.10 -32.14
CA GLN B 58 16.84 11.44 -32.96
C GLN B 58 18.19 11.26 -32.28
N LYS B 59 18.24 11.48 -30.96
CA LYS B 59 19.50 11.32 -30.23
C LYS B 59 19.71 9.86 -29.88
N PRO B 60 20.76 9.25 -30.44
CA PRO B 60 20.97 7.81 -30.33
C PRO B 60 21.42 7.37 -28.93
N CYS B 61 20.96 6.18 -28.52
CA CYS B 61 21.30 5.62 -27.21
C CYS B 61 21.06 4.12 -27.16
N GLY B 62 21.79 3.46 -26.26
CA GLY B 62 21.65 2.03 -26.05
C GLY B 62 21.59 1.16 -27.30
N SER B 63 20.89 0.04 -27.20
CA SER B 63 20.80 -0.91 -28.31
C SER B 63 19.99 -0.39 -29.48
N GLY B 64 20.61 0.42 -30.32
CA GLY B 64 19.98 0.89 -31.55
C GLY B 64 18.72 1.71 -31.34
N GLY B 65 18.64 2.39 -30.21
CA GLY B 65 17.45 3.15 -29.89
C GLY B 65 17.68 4.65 -29.77
N ARG B 66 16.59 5.39 -29.68
CA ARG B 66 16.65 6.84 -29.60
C ARG B 66 16.06 7.31 -28.28
N CYS B 67 16.52 8.45 -27.81
CA CYS B 67 15.95 9.00 -26.59
C CYS B 67 14.47 9.32 -26.75
N ALA B 68 13.63 8.66 -25.95
CA ALA B 68 12.18 8.76 -26.12
C ALA B 68 11.55 9.85 -25.27
N ALA B 69 12.03 9.99 -24.05
CA ALA B 69 11.51 11.01 -23.15
C ALA B 69 12.63 11.42 -22.21
N ALA B 70 12.31 12.32 -21.29
CA ALA B 70 13.30 12.76 -20.32
C ALA B 70 13.80 11.58 -19.47
N GLY B 71 15.04 11.17 -19.72
CA GLY B 71 15.65 10.12 -18.95
C GLY B 71 15.44 8.72 -19.51
N ILE B 72 14.76 8.64 -20.65
CA ILE B 72 14.30 7.36 -21.18
C ILE B 72 14.79 7.11 -22.61
N CYS B 73 15.48 5.99 -22.80
CA CYS B 73 15.90 5.50 -24.11
C CYS B 73 15.03 4.34 -24.62
N CYS B 74 14.34 4.51 -25.74
CA CYS B 74 13.51 3.43 -26.28
C CYS B 74 13.93 3.03 -27.69
N ASN B 75 13.86 1.74 -27.98
CA ASN B 75 13.78 1.25 -29.33
C ASN B 75 12.38 0.69 -29.56
N ASP B 76 12.18 -0.05 -30.63
CA ASP B 76 10.83 -0.44 -31.02
C ASP B 76 10.20 -1.52 -30.13
N GLU B 77 10.93 -1.94 -29.10
CA GLU B 77 10.50 -3.05 -28.27
C GLU B 77 10.94 -2.99 -26.80
N SER B 78 11.45 -1.84 -26.38
CA SER B 78 11.99 -1.76 -25.04
C SER B 78 12.23 -0.30 -24.71
N CYS B 79 11.99 0.05 -23.45
CA CYS B 79 12.45 1.33 -22.93
C CYS B 79 13.30 1.08 -21.71
N VAL B 80 14.35 1.87 -21.57
CA VAL B 80 15.24 1.73 -20.43
C VAL B 80 15.60 3.08 -19.84
N THR B 81 15.44 3.21 -18.53
CA THR B 81 15.95 4.37 -17.81
C THR B 81 17.40 4.57 -18.21
N GLU B 82 17.65 5.66 -18.91
CA GLU B 82 18.94 5.88 -19.53
C GLU B 82 19.22 7.38 -19.62
N PRO B 83 20.21 7.86 -18.85
CA PRO B 83 20.19 9.25 -18.37
C PRO B 83 20.95 10.24 -19.25
N GLU B 84 21.75 9.72 -20.18
CA GLU B 84 22.27 10.52 -21.29
C GLU B 84 21.11 11.16 -22.08
N CYS B 85 19.96 10.51 -22.05
CA CYS B 85 18.77 11.05 -22.68
C CYS B 85 18.17 12.17 -21.84
N LEU C 7 -6.56 13.37 2.23
CA LEU C 7 -5.26 12.73 1.89
C LEU C 7 -5.47 11.31 1.33
N ARG C 8 -4.40 10.63 0.97
CA ARG C 8 -4.49 9.19 0.72
C ARG C 8 -4.70 8.46 2.03
N GLN C 9 -5.14 7.22 1.96
CA GLN C 9 -5.29 6.42 3.16
C GLN C 9 -3.96 5.76 3.51
N CYS C 10 -3.81 5.37 4.76
CA CYS C 10 -2.51 4.93 5.20
C CYS C 10 -2.28 3.48 4.80
N LEU C 11 -1.02 3.06 4.88
CA LEU C 11 -0.67 1.68 4.65
C LEU C 11 -1.74 0.72 5.18
N PRO C 12 -2.16 -0.24 4.35
CA PRO C 12 -3.01 -1.34 4.82
C PRO C 12 -2.24 -2.21 5.79
N CYS C 13 -2.96 -3.01 6.56
CA CYS C 13 -2.36 -3.71 7.68
C CYS C 13 -3.26 -4.88 8.04
N GLY C 14 -2.70 -5.80 8.82
CA GLY C 14 -3.49 -6.90 9.34
C GLY C 14 -3.96 -7.91 8.31
N PRO C 15 -5.00 -8.68 8.65
CA PRO C 15 -5.44 -9.86 7.89
C PRO C 15 -5.71 -9.52 6.43
N GLY C 16 -4.85 -10.02 5.56
CA GLY C 16 -5.06 -9.89 4.13
C GLY C 16 -5.10 -8.45 3.64
N GLY C 17 -4.45 -7.56 4.39
CA GLY C 17 -4.51 -6.14 4.08
C GLY C 17 -5.91 -5.53 4.13
N LYS C 18 -6.82 -6.16 4.85
CA LYS C 18 -8.19 -5.64 4.96
C LYS C 18 -8.28 -4.48 5.94
N GLY C 19 -7.27 -4.41 6.81
CA GLY C 19 -7.14 -3.25 7.67
C GLY C 19 -6.40 -2.08 7.03
N ARG C 20 -6.69 -0.88 7.50
CA ARG C 20 -5.84 0.26 7.23
C ARG C 20 -5.25 0.83 8.50
N CYS C 21 -4.07 1.41 8.38
CA CYS C 21 -3.39 1.97 9.53
C CYS C 21 -3.98 3.32 9.95
N PHE C 22 -4.30 3.45 11.23
CA PHE C 22 -4.80 4.69 11.78
C PHE C 22 -3.70 5.41 12.51
N GLY C 23 -2.72 4.66 12.98
CA GLY C 23 -1.59 5.26 13.64
C GLY C 23 -0.47 4.23 13.67
N PRO C 24 0.69 4.60 14.20
CA PRO C 24 1.86 3.71 14.24
C PRO C 24 1.55 2.30 14.76
N SER C 25 0.59 2.20 15.67
CA SER C 25 0.29 0.94 16.37
C SER C 25 -1.17 0.55 16.33
N ILE C 26 -1.93 1.19 15.44
CA ILE C 26 -3.36 0.93 15.35
C ILE C 26 -3.71 0.56 13.95
N CYS C 27 -4.26 -0.64 13.83
CA CYS C 27 -4.69 -1.18 12.56
C CYS C 27 -6.15 -1.57 12.71
N CYS C 28 -7.00 -1.04 11.84
CA CYS C 28 -8.44 -1.22 12.02
C CYS C 28 -9.13 -1.58 10.72
N GLY C 29 -10.17 -2.39 10.82
CA GLY C 29 -11.04 -2.64 9.70
C GLY C 29 -12.47 -2.68 10.21
N ASP C 30 -13.40 -2.09 9.47
CA ASP C 30 -14.78 -1.99 9.93
C ASP C 30 -15.42 -3.34 10.23
N GLU C 31 -15.07 -4.36 9.43
CA GLU C 31 -15.51 -5.72 9.72
C GLU C 31 -14.38 -6.56 10.30
N LEU C 32 -13.47 -5.92 11.01
CA LEU C 32 -12.31 -6.60 11.58
C LEU C 32 -12.11 -6.18 13.05
N GLY C 33 -12.62 -5.00 13.37
CA GLY C 33 -12.31 -4.40 14.66
C GLY C 33 -10.95 -3.71 14.61
N CYS C 34 -10.37 -3.45 15.76
CA CYS C 34 -9.12 -2.72 15.81
C CYS C 34 -8.09 -3.48 16.56
N PHE C 35 -6.87 -3.46 16.04
CA PHE C 35 -5.71 -4.01 16.69
C PHE C 35 -4.87 -2.86 17.18
N VAL C 36 -4.65 -2.81 18.49
CA VAL C 36 -3.93 -1.71 19.09
C VAL C 36 -2.69 -2.27 19.73
N GLY C 37 -1.59 -2.24 18.99
CA GLY C 37 -0.32 -2.66 19.55
C GLY C 37 -0.13 -4.16 19.47
N THR C 38 -0.92 -4.80 18.62
CA THR C 38 -0.76 -6.22 18.32
C THR C 38 0.08 -6.39 17.05
N ALA C 39 0.43 -7.64 16.77
CA ALA C 39 1.21 -8.03 15.59
C ALA C 39 0.54 -7.60 14.29
N GLU C 40 -0.78 -7.51 14.32
CA GLU C 40 -1.53 -7.10 13.15
C GLU C 40 -1.19 -5.68 12.74
N ALA C 41 -0.66 -4.91 13.70
CA ALA C 41 -0.50 -3.47 13.51
C ALA C 41 0.96 -3.05 13.39
N LEU C 42 1.80 -3.96 12.92
CA LEU C 42 3.24 -3.72 12.86
C LEU C 42 3.68 -2.96 11.60
N ARG C 43 3.03 -3.21 10.49
CA ARG C 43 3.35 -2.53 9.24
C ARG C 43 3.14 -1.04 9.37
N CYS C 44 2.20 -0.64 10.22
CA CYS C 44 1.87 0.76 10.42
C CYS C 44 3.03 1.61 10.91
N GLN C 45 4.07 0.98 11.45
CA GLN C 45 5.30 1.71 11.74
C GLN C 45 5.87 2.33 10.45
N GLU C 46 5.73 1.62 9.33
CA GLU C 46 6.33 2.05 8.06
C GLU C 46 5.77 3.31 7.42
N GLU C 47 4.52 3.63 7.71
CA GLU C 47 3.94 4.84 7.17
C GLU C 47 4.69 6.06 7.69
N ASN C 48 5.39 5.89 8.80
CA ASN C 48 6.19 6.97 9.35
C ASN C 48 7.26 7.47 8.39
N TYR C 49 7.59 6.66 7.38
CA TYR C 49 8.66 6.99 6.43
C TYR C 49 8.18 7.68 5.17
N LEU C 50 6.90 7.51 4.85
CA LEU C 50 6.38 7.98 3.58
C LEU C 50 6.16 9.49 3.65
N PRO C 51 6.66 10.23 2.66
CA PRO C 51 6.77 11.69 2.78
C PRO C 51 5.45 12.41 2.47
N SER C 52 4.45 11.62 2.08
CA SER C 52 3.09 12.11 1.92
C SER C 52 2.24 11.83 3.17
N PRO C 53 1.41 12.80 3.58
CA PRO C 53 0.48 12.61 4.69
C PRO C 53 -0.62 11.65 4.29
N CYS C 54 -1.13 10.90 5.25
CA CYS C 54 -2.22 9.98 4.98
C CYS C 54 -3.36 10.19 5.97
N GLN C 55 -4.54 9.69 5.64
CA GLN C 55 -5.71 9.81 6.51
C GLN C 55 -6.58 8.59 6.31
N SER C 56 -6.63 7.73 7.32
CA SER C 56 -7.47 6.54 7.25
C SER C 56 -8.87 6.80 7.79
N GLY C 57 -9.86 6.12 7.20
CA GLY C 57 -11.22 6.24 7.67
C GLY C 57 -12.02 7.27 6.89
N GLN C 58 -13.35 7.17 6.98
CA GLN C 58 -14.22 8.07 6.22
C GLN C 58 -14.87 9.16 7.09
N LYS C 59 -15.25 8.80 8.31
CA LYS C 59 -16.13 9.65 9.11
C LYS C 59 -15.50 10.30 10.31
N PRO C 60 -15.66 11.63 10.41
CA PRO C 60 -15.42 12.42 11.61
C PRO C 60 -16.20 11.84 12.79
N CYS C 61 -15.77 12.21 13.98
CA CYS C 61 -15.65 11.31 15.08
C CYS C 61 -15.03 12.08 16.23
N GLY C 62 -15.54 11.89 17.45
CA GLY C 62 -14.77 12.26 18.63
C GLY C 62 -13.93 13.52 18.61
N SER C 63 -12.66 13.38 18.97
CA SER C 63 -11.76 14.53 19.00
C SER C 63 -10.47 14.25 18.23
N GLY C 64 -10.54 14.42 16.91
CA GLY C 64 -9.39 14.16 16.05
C GLY C 64 -9.48 12.79 15.39
N GLY C 65 -10.67 12.21 15.38
CA GLY C 65 -10.78 10.81 15.01
C GLY C 65 -11.65 10.49 13.81
N ARG C 66 -11.42 9.31 13.25
CA ARG C 66 -12.29 8.75 12.25
C ARG C 66 -12.85 7.45 12.78
N CYS C 67 -14.06 7.12 12.36
CA CYS C 67 -14.62 5.82 12.70
C CYS C 67 -13.81 4.73 12.00
N ALA C 68 -13.17 3.89 12.80
CA ALA C 68 -12.18 2.94 12.31
C ALA C 68 -12.76 1.55 12.09
N ALA C 69 -13.66 1.15 12.98
CA ALA C 69 -14.45 -0.06 12.80
C ALA C 69 -15.84 0.18 13.36
N ALA C 70 -16.70 -0.81 13.23
CA ALA C 70 -18.05 -0.72 13.80
C ALA C 70 -17.99 -0.40 15.29
N GLY C 71 -18.26 0.86 15.63
CA GLY C 71 -18.20 1.29 17.02
C GLY C 71 -16.97 1.92 17.59
N ILE C 72 -15.88 1.92 16.84
CA ILE C 72 -14.59 2.45 17.31
C ILE C 72 -14.25 3.77 16.59
N CYS C 73 -13.87 4.70 17.43
CA CYS C 73 -13.47 6.01 16.97
C CYS C 73 -12.00 6.03 17.20
N CYS C 74 -11.27 6.25 16.14
CA CYS C 74 -9.84 6.20 16.27
C CYS C 74 -9.17 7.43 15.67
N ASN C 75 -8.13 7.85 16.36
CA ASN C 75 -7.05 8.73 15.85
C ASN C 75 -5.70 7.96 15.92
N ASP C 76 -4.55 8.63 15.85
CA ASP C 76 -3.29 7.89 15.70
C ASP C 76 -2.69 7.29 16.98
N GLU C 77 -3.29 7.59 18.12
CA GLU C 77 -2.76 7.11 19.40
C GLU C 77 -3.84 6.72 20.40
N SER C 78 -5.04 6.43 19.88
CA SER C 78 -6.16 6.12 20.76
C SER C 78 -7.41 5.63 20.03
N CYS C 79 -8.10 4.65 20.63
CA CYS C 79 -9.42 4.23 20.15
C CYS C 79 -10.43 4.17 21.30
N VAL C 80 -11.64 4.64 21.02
CA VAL C 80 -12.70 4.78 22.00
C VAL C 80 -13.97 4.11 21.48
N THR C 81 -14.65 3.37 22.35
CA THR C 81 -16.03 2.97 22.10
C THR C 81 -16.86 4.18 21.74
N GLU C 82 -17.50 4.16 20.58
CA GLU C 82 -18.15 5.36 20.06
C GLU C 82 -19.34 5.02 19.19
N PRO C 83 -20.55 5.07 19.77
CA PRO C 83 -21.77 4.50 19.17
C PRO C 83 -22.21 5.28 17.94
N GLU C 84 -21.80 6.54 17.86
CA GLU C 84 -21.93 7.36 16.66
C GLU C 84 -21.27 6.74 15.42
N CYS C 85 -20.35 5.80 15.64
CA CYS C 85 -19.74 5.04 14.55
C CYS C 85 -20.57 3.79 14.21
N LEU D 7 -10.81 -5.92 43.35
CA LEU D 7 -12.01 -6.79 43.17
C LEU D 7 -11.52 -8.18 42.76
N ARG D 8 -12.13 -8.75 41.72
CA ARG D 8 -11.57 -9.91 41.04
C ARG D 8 -11.16 -9.50 39.63
N GLN D 9 -10.19 -10.18 39.04
CA GLN D 9 -9.89 -9.97 37.62
C GLN D 9 -11.13 -10.25 36.76
N CYS D 10 -11.24 -9.58 35.63
CA CYS D 10 -12.35 -9.87 34.72
C CYS D 10 -12.13 -11.12 33.86
N LEU D 11 -13.15 -11.53 33.12
CA LEU D 11 -13.05 -12.75 32.32
C LEU D 11 -11.79 -12.73 31.45
N PRO D 12 -11.11 -13.89 31.33
CA PRO D 12 -10.01 -14.07 30.38
C PRO D 12 -10.55 -14.01 28.97
N CYS D 13 -9.68 -13.69 28.03
CA CYS D 13 -10.08 -13.65 26.63
C CYS D 13 -8.87 -13.84 25.73
N GLY D 14 -9.12 -13.93 24.43
CA GLY D 14 -8.02 -14.01 23.47
C GLY D 14 -7.29 -15.33 23.47
N PRO D 15 -6.39 -15.52 22.48
CA PRO D 15 -5.67 -16.78 22.27
C PRO D 15 -5.16 -17.38 23.57
N GLY D 16 -5.46 -18.67 23.78
CA GLY D 16 -5.00 -19.36 24.96
C GLY D 16 -5.54 -18.76 26.25
N GLY D 17 -6.55 -17.91 26.11
CA GLY D 17 -7.16 -17.24 27.26
C GLY D 17 -6.17 -16.46 28.10
N LYS D 18 -5.13 -15.93 27.47
CA LYS D 18 -4.06 -15.24 28.18
C LYS D 18 -4.24 -13.72 28.14
N GLY D 19 -5.27 -13.28 27.43
CA GLY D 19 -5.72 -11.91 27.55
C GLY D 19 -6.71 -11.78 28.69
N ARG D 20 -7.27 -10.59 28.85
CA ARG D 20 -8.11 -10.30 30.01
C ARG D 20 -9.00 -9.15 29.64
N CYS D 21 -10.26 -9.23 30.05
CA CYS D 21 -11.23 -8.25 29.59
C CYS D 21 -11.14 -6.95 30.36
N PHE D 22 -10.90 -5.85 29.65
CA PHE D 22 -10.91 -4.54 30.27
C PHE D 22 -12.27 -3.89 30.18
N GLY D 23 -13.03 -4.30 29.18
CA GLY D 23 -14.38 -3.78 29.02
C GLY D 23 -15.11 -4.69 28.09
N PRO D 24 -16.42 -4.48 27.91
CA PRO D 24 -17.29 -5.30 27.05
C PRO D 24 -16.73 -5.57 25.64
N SER D 25 -15.88 -4.67 25.16
CA SER D 25 -15.36 -4.76 23.79
C SER D 25 -13.85 -4.70 23.69
N ILE D 26 -13.16 -4.70 24.83
CA ILE D 26 -11.72 -4.61 24.78
C ILE D 26 -11.07 -5.66 25.65
N CYS D 27 -10.12 -6.35 25.04
CA CYS D 27 -9.48 -7.50 25.62
C CYS D 27 -7.99 -7.33 25.39
N CYS D 28 -7.20 -7.43 26.44
CA CYS D 28 -5.79 -7.09 26.34
C CYS D 28 -4.94 -8.11 27.08
N GLY D 29 -3.72 -8.31 26.59
CA GLY D 29 -2.70 -8.98 27.38
C GLY D 29 -1.36 -8.34 27.04
N ASP D 30 -0.46 -8.23 28.01
CA ASP D 30 0.77 -7.48 27.76
C ASP D 30 1.60 -8.11 26.65
N GLU D 31 1.60 -9.43 26.59
CA GLU D 31 2.23 -10.12 25.48
C GLU D 31 1.46 -9.89 24.18
N LEU D 32 0.12 -9.86 24.26
CA LEU D 32 -0.73 -9.84 23.06
C LEU D 32 -1.04 -8.45 22.47
N GLY D 33 -0.96 -7.42 23.30
CA GLY D 33 -1.51 -6.13 22.93
C GLY D 33 -3.01 -6.09 23.16
N CYS D 34 -3.71 -5.16 22.51
CA CYS D 34 -5.12 -4.96 22.77
C CYS D 34 -6.00 -5.16 21.57
N PHE D 35 -7.03 -5.97 21.75
CA PHE D 35 -8.03 -6.17 20.73
C PHE D 35 -9.23 -5.34 21.12
N VAL D 36 -9.58 -4.38 20.27
CA VAL D 36 -10.65 -3.44 20.56
C VAL D 36 -11.78 -3.68 19.57
N GLY D 37 -12.74 -4.51 19.97
CA GLY D 37 -13.88 -4.78 19.13
C GLY D 37 -13.64 -5.82 18.03
N THR D 38 -12.62 -6.65 18.22
CA THR D 38 -12.29 -7.73 17.28
C THR D 38 -12.87 -9.02 17.81
N ALA D 39 -12.78 -10.09 17.01
CA ALA D 39 -13.29 -11.40 17.40
C ALA D 39 -12.85 -11.85 18.78
N GLU D 40 -11.65 -11.46 19.19
CA GLU D 40 -11.10 -11.85 20.48
C GLU D 40 -11.84 -11.24 21.67
N ALA D 41 -12.49 -10.11 21.44
CA ALA D 41 -13.00 -9.28 22.53
C ALA D 41 -14.45 -9.54 22.91
N LEU D 42 -15.23 -10.11 22.00
CA LEU D 42 -16.67 -10.21 22.20
C LEU D 42 -17.11 -11.15 23.31
N ARG D 43 -16.21 -12.02 23.74
CA ARG D 43 -16.44 -12.78 24.97
C ARG D 43 -16.78 -11.87 26.15
N CYS D 44 -16.14 -10.69 26.18
CA CYS D 44 -16.22 -9.79 27.32
C CYS D 44 -17.57 -9.13 27.55
N GLN D 45 -18.48 -9.27 26.59
CA GLN D 45 -19.85 -8.80 26.78
C GLN D 45 -20.51 -9.57 27.93
N GLU D 46 -20.23 -10.87 27.98
CA GLU D 46 -20.71 -11.76 29.03
C GLU D 46 -20.54 -11.23 30.46
N GLU D 47 -19.38 -10.62 30.76
CA GLU D 47 -19.16 -10.02 32.08
C GLU D 47 -20.21 -8.99 32.53
N ASN D 48 -20.99 -8.46 31.59
CA ASN D 48 -22.16 -7.63 31.91
C ASN D 48 -23.17 -8.34 32.82
N TYR D 49 -23.14 -9.68 32.80
CA TYR D 49 -24.16 -10.49 33.42
C TYR D 49 -23.62 -11.29 34.60
N LEU D 50 -22.50 -10.82 35.15
CA LEU D 50 -21.96 -11.40 36.36
C LEU D 50 -22.06 -10.39 37.50
N PRO D 51 -22.52 -10.82 38.67
CA PRO D 51 -23.02 -9.89 39.68
C PRO D 51 -21.92 -9.34 40.57
N SER D 52 -20.74 -9.93 40.47
CA SER D 52 -19.55 -9.41 41.13
C SER D 52 -18.84 -8.41 40.23
N PRO D 53 -18.24 -7.36 40.83
CA PRO D 53 -17.37 -6.47 40.08
C PRO D 53 -16.00 -7.09 39.88
N CYS D 54 -15.33 -6.66 38.81
CA CYS D 54 -14.01 -7.18 38.47
C CYS D 54 -13.04 -6.07 38.07
N GLN D 55 -11.81 -6.18 38.52
CA GLN D 55 -10.72 -5.32 38.10
C GLN D 55 -9.68 -6.11 37.26
N SER D 56 -9.55 -5.72 35.99
CA SER D 56 -8.50 -6.26 35.12
C SER D 56 -7.32 -5.32 35.12
N GLY D 57 -6.11 -5.86 35.12
CA GLY D 57 -4.96 -5.01 34.94
C GLY D 57 -4.42 -4.43 36.23
N GLN D 58 -3.22 -3.83 36.16
CA GLN D 58 -2.54 -3.45 37.39
C GLN D 58 -2.24 -1.96 37.61
N LYS D 59 -1.14 -1.47 37.03
CA LYS D 59 -0.71 -0.09 37.26
C LYS D 59 -1.80 0.91 36.89
N PRO D 60 -2.18 1.83 37.81
CA PRO D 60 -2.95 3.00 37.40
C PRO D 60 -2.15 3.86 36.43
N CYS D 61 -2.84 4.74 35.71
CA CYS D 61 -2.51 4.93 34.32
C CYS D 61 -3.56 5.84 33.69
N GLY D 62 -3.13 7.01 33.23
CA GLY D 62 -4.06 7.96 32.65
C GLY D 62 -5.04 8.52 33.68
N SER D 63 -6.15 9.07 33.21
CA SER D 63 -7.22 9.46 34.12
C SER D 63 -8.09 8.26 34.48
N GLY D 64 -7.61 7.48 35.44
CA GLY D 64 -8.44 6.42 36.00
C GLY D 64 -8.55 5.20 35.11
N GLY D 65 -7.41 4.83 34.52
CA GLY D 65 -7.33 3.61 33.74
C GLY D 65 -6.15 2.79 34.18
N ARG D 66 -6.04 1.57 33.65
CA ARG D 66 -4.95 0.67 34.01
C ARG D 66 -4.19 0.18 32.79
N CYS D 67 -2.87 0.08 32.94
CA CYS D 67 -2.02 -0.46 31.89
C CYS D 67 -2.51 -1.83 31.43
N ALA D 68 -2.95 -1.91 30.17
CA ALA D 68 -3.62 -3.11 29.68
C ALA D 68 -2.69 -4.00 28.87
N ALA D 69 -1.80 -3.38 28.10
CA ALA D 69 -0.71 -4.08 27.41
C ALA D 69 0.54 -3.19 27.38
N ALA D 70 1.63 -3.72 26.84
CA ALA D 70 2.90 -2.98 26.79
C ALA D 70 2.72 -1.71 25.97
N GLY D 71 2.73 -0.58 26.66
CA GLY D 71 2.57 0.69 25.98
C GLY D 71 1.14 1.13 25.72
N ILE D 72 0.16 0.39 26.24
CA ILE D 72 -1.24 0.83 26.13
C ILE D 72 -1.91 0.93 27.50
N CYS D 73 -2.70 2.00 27.65
CA CYS D 73 -3.59 2.22 28.80
C CYS D 73 -5.04 2.04 28.38
N CYS D 74 -5.81 1.26 29.11
CA CYS D 74 -7.25 1.19 28.86
C CYS D 74 -8.07 1.32 30.14
N ASN D 75 -9.29 1.80 29.98
CA ASN D 75 -10.33 1.60 30.98
C ASN D 75 -11.36 0.68 30.33
N ASP D 76 -12.61 0.75 30.76
CA ASP D 76 -13.64 -0.13 30.20
C ASP D 76 -14.15 0.27 28.81
N GLU D 77 -13.56 1.32 28.24
CA GLU D 77 -14.20 2.01 27.12
C GLU D 77 -13.19 2.50 26.08
N SER D 78 -11.94 2.67 26.49
CA SER D 78 -10.92 3.24 25.62
C SER D 78 -9.53 2.73 25.92
N CYS D 79 -8.69 2.78 24.89
CA CYS D 79 -7.27 2.47 25.02
C CYS D 79 -6.48 3.58 24.38
N VAL D 80 -5.40 3.98 25.03
CA VAL D 80 -4.56 5.06 24.54
C VAL D 80 -3.13 4.56 24.65
N THR D 81 -2.34 4.80 23.60
CA THR D 81 -0.92 4.48 23.66
C THR D 81 -0.28 5.30 24.77
N GLU D 82 0.37 4.61 25.71
CA GLU D 82 0.85 5.26 26.91
C GLU D 82 2.24 4.72 27.24
N PRO D 83 3.30 5.48 26.93
CA PRO D 83 4.67 5.01 27.12
C PRO D 83 5.03 4.75 28.59
N GLU D 84 4.34 5.44 29.50
CA GLU D 84 4.43 5.16 30.93
C GLU D 84 4.23 3.65 31.26
N CYS D 85 3.43 2.96 30.46
CA CYS D 85 3.16 1.54 30.67
C CYS D 85 4.32 0.65 30.22
#